data_1K79
#
_entry.id   1K79
#
_cell.length_a   93.740
_cell.length_b   74.580
_cell.length_c   79.140
_cell.angle_alpha   90.00
_cell.angle_beta   116.14
_cell.angle_gamma   90.00
#
_symmetry.space_group_name_H-M   'C 1 2 1'
#
loop_
_entity.id
_entity.type
_entity.pdbx_description
1 polymer "DNA (5'-D(*TP*AP*GP*TP*GP*CP*CP*GP*GP*AP*AP*AP*TP*GP*T)-3')"
2 polymer "DNA (5'-D(*CP*AP*CP*AP*TP*TP*TP*CP*CP*GP*GP*CP*AP*CP*T)-3')"
3 polymer 'C-ets-1 protein'
4 water water
#
loop_
_entity_poly.entity_id
_entity_poly.type
_entity_poly.pdbx_seq_one_letter_code
_entity_poly.pdbx_strand_id
1 'polydeoxyribonucleotide' (DT)(DA)(DG)(DT)(DG)(DC)(DC)(DG)(DG)(DA)(DA)(DA)(DT)(DG)(DT) B,E
2 'polydeoxyribonucleotide' (DC)(DA)(DC)(DA)(DT)(DT)(DT)(DC)(DC)(DG)(DG)(DC)(DA)(DC)(DT) C,F
3 'polypeptide(L)'
;GSGPIQLWQFLLELLTDKSCQSFISWTGDGWEFKLSDPDEVARRWGKRKNKPKMNYEKLSRGLRYYYDKNIIHKTAGKRY
VYRFVCDLQSLLGYTPEELHAMLDVKPDAD
;
A,D
#
# COMPACT_ATOMS: atom_id res chain seq x y z
N GLY E 3 -19.26 6.80 -12.69
CA GLY E 3 -20.25 7.06 -11.61
C GLY E 3 -20.89 5.75 -11.11
N PRO E 4 -20.33 5.15 -10.05
CA PRO E 4 -20.85 3.90 -9.48
C PRO E 4 -21.70 4.10 -8.21
N ILE E 5 -23.02 4.19 -8.36
CA ILE E 5 -23.89 4.41 -7.21
C ILE E 5 -23.89 3.21 -6.29
N GLN E 6 -23.89 3.47 -4.98
CA GLN E 6 -23.89 2.43 -3.97
C GLN E 6 -25.34 2.08 -3.62
N LEU E 7 -25.54 0.86 -3.11
CA LEU E 7 -26.88 0.36 -2.76
C LEU E 7 -27.71 1.27 -1.86
N TRP E 8 -27.15 1.68 -0.72
CA TRP E 8 -27.89 2.52 0.20
C TRP E 8 -28.32 3.84 -0.44
N GLN E 9 -27.60 4.27 -1.47
CA GLN E 9 -27.92 5.52 -2.14
C GLN E 9 -29.02 5.27 -3.17
N PHE E 10 -29.01 4.07 -3.73
CA PHE E 10 -30.01 3.69 -4.71
C PHE E 10 -31.35 3.67 -3.96
N LEU E 11 -31.37 3.02 -2.80
CA LEU E 11 -32.60 2.95 -2.02
C LEU E 11 -33.13 4.35 -1.70
N LEU E 12 -32.25 5.24 -1.26
CA LEU E 12 -32.67 6.60 -0.97
C LEU E 12 -33.31 7.20 -2.22
N GLU E 13 -32.70 6.98 -3.37
CA GLU E 13 -33.21 7.50 -4.62
C GLU E 13 -34.64 6.97 -4.87
N LEU E 14 -34.86 5.68 -4.63
CA LEU E 14 -36.19 5.12 -4.84
C LEU E 14 -37.17 5.68 -3.82
N LEU E 15 -36.72 5.75 -2.58
CA LEU E 15 -37.52 6.24 -1.49
C LEU E 15 -37.90 7.72 -1.53
N THR E 16 -37.42 8.44 -2.55
CA THR E 16 -37.76 9.86 -2.65
C THR E 16 -38.40 10.16 -4.00
N ASP E 17 -38.86 9.11 -4.64
CA ASP E 17 -39.56 9.21 -5.91
C ASP E 17 -40.93 8.54 -5.71
N LYS E 18 -41.99 9.33 -5.79
CA LYS E 18 -43.34 8.81 -5.60
C LYS E 18 -43.66 7.61 -6.48
N SER E 19 -43.31 7.73 -7.75
CA SER E 19 -43.56 6.69 -8.74
C SER E 19 -42.90 5.35 -8.40
N CYS E 20 -42.32 5.25 -7.20
CA CYS E 20 -41.66 4.02 -6.75
C CYS E 20 -42.29 3.47 -5.48
N GLN E 21 -43.29 4.19 -4.96
CA GLN E 21 -43.96 3.78 -3.72
C GLN E 21 -44.60 2.39 -3.79
N SER E 22 -44.85 1.92 -5.00
CA SER E 22 -45.46 0.61 -5.22
C SER E 22 -44.60 -0.53 -4.70
N PHE E 23 -43.29 -0.45 -4.90
CA PHE E 23 -42.42 -1.52 -4.42
C PHE E 23 -41.55 -1.18 -3.22
N ILE E 24 -41.37 0.09 -2.93
CA ILE E 24 -40.56 0.46 -1.77
C ILE E 24 -41.15 1.72 -1.16
N SER E 25 -41.19 1.79 0.17
CA SER E 25 -41.76 2.97 0.81
C SER E 25 -41.36 3.13 2.26
N TRP E 26 -41.51 4.35 2.75
CA TRP E 26 -41.20 4.65 4.15
C TRP E 26 -42.38 4.09 4.96
N THR E 27 -42.12 3.64 6.19
CA THR E 27 -43.20 3.08 7.00
C THR E 27 -43.90 4.17 7.82
N GLY E 28 -43.37 5.39 7.77
CA GLY E 28 -43.97 6.48 8.51
C GLY E 28 -43.33 6.66 9.87
N ASP E 29 -42.48 5.70 10.26
CA ASP E 29 -41.78 5.78 11.54
C ASP E 29 -40.31 6.12 11.36
N GLY E 30 -40.00 7.41 11.34
CA GLY E 30 -38.61 7.83 11.21
C GLY E 30 -37.96 7.53 9.87
N TRP E 31 -36.86 6.79 9.89
CA TRP E 31 -36.15 6.45 8.66
C TRP E 31 -36.34 4.99 8.25
N GLU E 32 -37.22 4.30 8.99
CA GLU E 32 -37.54 2.89 8.70
C GLU E 32 -38.27 2.80 7.36
N PHE E 33 -37.89 1.82 6.55
CA PHE E 33 -38.54 1.65 5.25
C PHE E 33 -38.82 0.18 4.98
N LYS E 34 -39.62 -0.09 3.96
CA LYS E 34 -39.97 -1.45 3.63
C LYS E 34 -39.92 -1.72 2.14
N LEU E 35 -39.30 -2.83 1.75
CA LEU E 35 -39.29 -3.20 0.36
C LEU E 35 -40.60 -4.00 0.25
N SER E 36 -41.69 -3.36 -0.15
CA SER E 36 -42.96 -4.08 -0.24
C SER E 36 -42.87 -5.15 -1.31
N ASP E 37 -42.12 -4.88 -2.38
CA ASP E 37 -41.91 -5.86 -3.43
C ASP E 37 -40.40 -5.98 -3.65
N PRO E 38 -39.72 -6.74 -2.78
CA PRO E 38 -38.27 -6.92 -2.90
C PRO E 38 -37.79 -7.35 -4.28
N ASP E 39 -38.57 -8.17 -4.96
CA ASP E 39 -38.15 -8.62 -6.28
C ASP E 39 -38.04 -7.48 -7.27
N GLU E 40 -38.94 -6.51 -7.17
CA GLU E 40 -38.94 -5.38 -8.09
C GLU E 40 -37.79 -4.43 -7.76
N VAL E 41 -37.49 -4.30 -6.47
CA VAL E 41 -36.39 -3.46 -6.03
C VAL E 41 -35.11 -4.12 -6.56
N ALA E 42 -34.95 -5.41 -6.23
CA ALA E 42 -33.79 -6.17 -6.68
C ALA E 42 -33.65 -6.11 -8.19
N ARG E 43 -34.79 -6.16 -8.88
CA ARG E 43 -34.77 -6.13 -10.33
C ARG E 43 -34.19 -4.81 -10.81
N ARG E 44 -34.65 -3.72 -10.22
CA ARG E 44 -34.17 -2.40 -10.60
C ARG E 44 -32.75 -2.17 -10.16
N TRP E 45 -32.38 -2.76 -9.02
CA TRP E 45 -31.02 -2.64 -8.50
C TRP E 45 -30.14 -3.38 -9.50
N GLY E 46 -30.67 -4.49 -10.00
CA GLY E 46 -29.94 -5.29 -10.97
C GLY E 46 -29.71 -4.56 -12.27
N LYS E 47 -30.68 -3.81 -12.76
CA LYS E 47 -30.50 -3.13 -14.03
C LYS E 47 -29.49 -1.98 -13.94
N ARG E 48 -29.56 -1.20 -12.86
CA ARG E 48 -28.65 -0.08 -12.62
C ARG E 48 -27.19 -0.53 -12.62
N LYS E 49 -26.91 -1.59 -11.87
CA LYS E 49 -25.57 -2.14 -11.74
C LYS E 49 -25.19 -3.13 -12.84
N ASN E 50 -26.10 -3.35 -13.80
CA ASN E 50 -25.84 -4.29 -14.88
C ASN E 50 -25.63 -5.70 -14.34
N LYS E 51 -26.54 -6.17 -13.51
CA LYS E 51 -26.42 -7.50 -12.94
C LYS E 51 -27.67 -8.34 -13.21
N PRO E 52 -27.74 -8.97 -14.40
CA PRO E 52 -28.85 -9.80 -14.86
C PRO E 52 -29.35 -10.86 -13.88
N LYS E 53 -28.48 -11.32 -13.00
CA LYS E 53 -28.85 -12.37 -12.05
C LYS E 53 -29.12 -11.84 -10.64
N MET E 54 -29.33 -10.55 -10.49
CA MET E 54 -29.55 -9.99 -9.15
C MET E 54 -30.93 -10.36 -8.61
N ASN E 55 -31.02 -10.55 -7.30
CA ASN E 55 -32.29 -10.86 -6.65
C ASN E 55 -32.28 -10.32 -5.22
N TYR E 56 -33.40 -10.47 -4.52
CA TYR E 56 -33.48 -9.97 -3.14
C TYR E 56 -32.52 -10.66 -2.19
N GLU E 57 -32.21 -11.94 -2.46
CA GLU E 57 -31.29 -12.69 -1.61
C GLU E 57 -29.93 -12.02 -1.59
N LYS E 58 -29.35 -11.81 -2.76
CA LYS E 58 -28.03 -11.19 -2.85
C LYS E 58 -28.10 -9.73 -2.43
N LEU E 59 -29.15 -9.04 -2.84
CA LEU E 59 -29.32 -7.63 -2.50
C LEU E 59 -29.28 -7.43 -1.00
N SER E 60 -30.00 -8.28 -0.27
CA SER E 60 -30.06 -8.16 1.18
C SER E 60 -28.74 -8.51 1.85
N ARG E 61 -27.88 -9.28 1.18
CA ARG E 61 -26.59 -9.58 1.79
C ARG E 61 -25.86 -8.24 1.77
N GLY E 62 -26.09 -7.47 0.71
CA GLY E 62 -25.49 -6.15 0.62
C GLY E 62 -25.94 -5.33 1.82
N LEU E 63 -27.25 -5.35 2.09
CA LEU E 63 -27.79 -4.59 3.22
C LEU E 63 -27.18 -5.05 4.53
N ARG E 64 -27.00 -6.36 4.70
CA ARG E 64 -26.44 -6.84 5.94
C ARG E 64 -25.05 -6.31 6.21
N TYR E 65 -24.29 -6.02 5.15
CA TYR E 65 -22.95 -5.49 5.32
C TYR E 65 -22.98 -4.06 5.88
N TYR E 66 -24.15 -3.42 5.82
CA TYR E 66 -24.33 -2.06 6.32
C TYR E 66 -24.59 -2.04 7.83
N TYR E 67 -24.84 -3.21 8.40
CA TYR E 67 -25.12 -3.27 9.82
C TYR E 67 -23.97 -2.69 10.63
N ASP E 68 -22.77 -3.21 10.43
CA ASP E 68 -21.60 -2.71 11.12
C ASP E 68 -21.28 -1.30 10.67
N LYS E 69 -21.56 -0.98 9.41
CA LYS E 69 -21.28 0.36 8.93
C LYS E 69 -22.35 1.33 9.45
N ASN E 70 -23.31 0.78 10.19
CA ASN E 70 -24.39 1.58 10.74
C ASN E 70 -25.03 2.53 9.73
N ILE E 71 -25.19 2.07 8.50
CA ILE E 71 -25.82 2.89 7.50
C ILE E 71 -27.30 2.52 7.57
N ILE E 72 -27.57 1.22 7.57
CA ILE E 72 -28.94 0.69 7.61
C ILE E 72 -28.99 -0.50 8.58
N HIS E 73 -30.00 -0.47 9.43
CA HIS E 73 -30.18 -1.55 10.39
C HIS E 73 -31.44 -2.29 9.98
N LYS E 74 -31.63 -3.45 10.60
CA LYS E 74 -32.78 -4.30 10.31
C LYS E 74 -33.87 -4.11 11.35
N THR E 75 -35.12 -3.97 10.89
CA THR E 75 -36.20 -3.87 11.85
C THR E 75 -36.48 -5.35 12.11
N ALA E 76 -36.10 -5.83 13.28
CA ALA E 76 -36.28 -7.23 13.63
C ALA E 76 -37.74 -7.65 13.73
N GLY E 77 -38.11 -8.67 12.96
CA GLY E 77 -39.48 -9.16 13.02
C GLY E 77 -40.43 -8.70 11.96
N LYS E 78 -40.11 -7.61 11.27
CA LYS E 78 -40.99 -7.15 10.21
C LYS E 78 -40.31 -7.52 8.89
N ARG E 79 -40.98 -8.34 8.10
CA ARG E 79 -40.36 -8.78 6.86
C ARG E 79 -40.18 -7.73 5.76
N TYR E 80 -38.93 -7.63 5.31
CA TYR E 80 -38.51 -6.68 4.28
C TYR E 80 -38.40 -5.28 4.87
N VAL E 81 -38.33 -5.18 6.19
CA VAL E 81 -38.25 -3.88 6.83
C VAL E 81 -36.88 -3.56 7.42
N TYR E 82 -36.35 -2.43 7.00
CA TYR E 82 -35.06 -1.96 7.45
C TYR E 82 -35.19 -0.50 7.84
N ARG E 83 -34.14 0.07 8.43
CA ARG E 83 -34.19 1.46 8.84
C ARG E 83 -32.81 2.13 8.77
N PHE E 84 -32.77 3.32 8.16
CA PHE E 84 -31.53 4.08 8.06
C PHE E 84 -31.22 4.62 9.45
N VAL E 85 -30.04 4.31 9.97
CA VAL E 85 -29.63 4.78 11.30
C VAL E 85 -28.54 5.87 11.26
N CYS E 86 -28.18 6.32 10.05
CA CYS E 86 -27.17 7.37 9.88
C CYS E 86 -27.88 8.72 9.79
N ASP E 87 -27.16 9.82 10.02
CA ASP E 87 -27.77 11.16 10.02
C ASP E 87 -28.38 11.62 8.70
N LEU E 88 -29.49 11.01 8.29
CA LEU E 88 -30.12 11.41 7.03
C LEU E 88 -30.71 12.83 7.07
N GLN E 89 -31.07 13.30 8.26
CA GLN E 89 -31.63 14.64 8.40
C GLN E 89 -30.60 15.65 7.88
N SER E 90 -29.33 15.42 8.21
CA SER E 90 -28.26 16.32 7.76
C SER E 90 -27.93 16.07 6.28
N LEU E 91 -28.01 14.83 5.86
CA LEU E 91 -27.72 14.48 4.48
C LEU E 91 -28.78 14.99 3.52
N LEU E 92 -30.05 14.75 3.85
CA LEU E 92 -31.11 15.18 2.95
C LEU E 92 -31.55 16.60 3.24
N GLY E 93 -31.39 17.01 4.49
CA GLY E 93 -31.78 18.35 4.86
C GLY E 93 -33.22 18.39 5.33
N TYR E 94 -33.88 17.24 5.33
CA TYR E 94 -35.25 17.17 5.78
C TYR E 94 -35.34 16.27 7.00
N THR E 95 -36.35 16.52 7.79
CA THR E 95 -36.65 15.61 8.88
C THR E 95 -37.56 14.47 8.41
N PRO E 96 -37.69 13.41 9.10
CA PRO E 96 -38.56 12.35 8.58
C PRO E 96 -39.97 12.91 8.28
N GLU E 97 -40.54 13.65 9.24
CA GLU E 97 -41.88 14.22 9.05
C GLU E 97 -41.98 15.04 7.78
N GLU E 98 -41.04 15.97 7.59
CA GLU E 98 -41.07 16.80 6.41
C GLU E 98 -41.01 15.98 5.13
N LEU E 99 -40.12 14.98 5.08
CA LEU E 99 -40.01 14.17 3.88
C LEU E 99 -41.27 13.33 3.69
N HIS E 100 -41.77 12.75 4.79
CA HIS E 100 -42.99 11.95 4.71
C HIS E 100 -44.12 12.84 4.14
N ALA E 101 -44.30 14.00 4.74
CA ALA E 101 -45.34 14.93 4.30
C ALA E 101 -45.18 15.19 2.80
N MET E 102 -43.97 15.56 2.42
CA MET E 102 -43.65 15.86 1.03
C MET E 102 -43.90 14.66 0.10
N LEU E 103 -43.81 13.45 0.64
CA LEU E 103 -44.02 12.24 -0.16
C LEU E 103 -45.43 11.67 -0.06
N ASP E 104 -46.23 12.22 0.86
CA ASP E 104 -47.59 11.75 1.08
C ASP E 104 -47.58 10.35 1.66
N VAL E 105 -46.63 10.09 2.56
CA VAL E 105 -46.53 8.78 3.18
C VAL E 105 -47.67 8.61 4.18
N LYS E 106 -48.31 7.44 4.14
CA LYS E 106 -49.41 7.11 5.06
C LYS E 106 -49.05 5.85 5.87
N GLY F 3 43.45 -0.28 -19.60
CA GLY F 3 43.35 -0.59 -18.14
C GLY F 3 41.99 -0.18 -17.57
N PRO F 4 41.04 -1.13 -17.50
CA PRO F 4 39.71 -0.82 -16.96
C PRO F 4 39.66 -1.05 -15.44
N ILE F 5 39.11 -0.08 -14.72
CA ILE F 5 39.02 -0.16 -13.27
C ILE F 5 38.42 -1.50 -12.82
N GLN F 6 38.93 -2.01 -11.72
CA GLN F 6 38.46 -3.29 -11.19
C GLN F 6 37.58 -3.03 -9.98
N LEU F 7 36.58 -3.88 -9.81
CA LEU F 7 35.63 -3.75 -8.72
C LEU F 7 36.22 -3.37 -7.38
N TRP F 8 37.31 -4.03 -6.99
CA TRP F 8 37.91 -3.72 -5.71
C TRP F 8 38.52 -2.32 -5.67
N GLN F 9 39.03 -1.87 -6.80
CA GLN F 9 39.64 -0.54 -6.86
C GLN F 9 38.54 0.50 -6.80
N PHE F 10 37.46 0.23 -7.54
CA PHE F 10 36.30 1.09 -7.59
C PHE F 10 35.70 1.27 -6.19
N LEU F 11 35.68 0.20 -5.40
CA LEU F 11 35.14 0.24 -4.05
C LEU F 11 36.05 1.09 -3.18
N LEU F 12 37.34 1.06 -3.50
CA LEU F 12 38.32 1.84 -2.76
C LEU F 12 38.06 3.30 -3.12
N GLU F 13 37.69 3.53 -4.38
CA GLU F 13 37.40 4.86 -4.85
C GLU F 13 36.20 5.45 -4.11
N LEU F 14 35.20 4.61 -3.83
CA LEU F 14 33.99 5.04 -3.12
C LEU F 14 34.24 5.18 -1.63
N LEU F 15 34.99 4.26 -1.06
CA LEU F 15 35.28 4.27 0.37
C LEU F 15 36.26 5.33 0.85
N THR F 16 36.86 6.05 -0.09
CA THR F 16 37.82 7.11 0.25
C THR F 16 37.18 8.49 0.04
N ASP F 17 36.04 8.51 -0.64
CA ASP F 17 35.31 9.76 -0.92
C ASP F 17 34.12 9.93 0.03
N LYS F 18 34.27 10.81 1.02
CA LYS F 18 33.23 11.07 2.02
C LYS F 18 31.81 11.28 1.51
N SER F 19 31.66 11.88 0.34
CA SER F 19 30.34 12.13 -0.22
C SER F 19 29.62 10.86 -0.64
N CYS F 20 30.24 9.70 -0.40
CA CYS F 20 29.66 8.41 -0.76
C CYS F 20 29.30 7.57 0.46
N GLN F 21 29.60 8.09 1.65
CA GLN F 21 29.34 7.39 2.90
C GLN F 21 27.85 7.11 3.13
N SER F 22 27.06 7.49 2.16
CA SER F 22 25.61 7.36 2.20
C SER F 22 25.11 6.01 1.66
N PHE F 23 25.85 5.39 0.76
CA PHE F 23 25.43 4.09 0.23
C PHE F 23 26.45 2.99 0.49
N ILE F 24 27.65 3.39 0.93
CA ILE F 24 28.74 2.46 1.27
C ILE F 24 29.66 3.17 2.26
N SER F 25 30.26 2.44 3.18
CA SER F 25 31.11 3.08 4.17
C SER F 25 31.89 2.08 5.02
N TRP F 26 32.92 2.58 5.71
CA TRP F 26 33.76 1.76 6.59
C TRP F 26 32.95 1.47 7.84
N THR F 27 33.20 0.31 8.45
CA THR F 27 32.52 -0.14 9.65
C THR F 27 33.12 0.47 10.91
N GLY F 28 34.43 0.64 10.91
CA GLY F 28 35.10 1.20 12.06
C GLY F 28 36.08 0.14 12.53
N ASP F 29 35.92 -1.06 11.99
CA ASP F 29 36.78 -2.18 12.36
C ASP F 29 37.76 -2.50 11.22
N GLY F 30 39.02 -2.11 11.41
CA GLY F 30 40.03 -2.37 10.40
C GLY F 30 39.57 -1.94 9.01
N TRP F 31 39.63 -2.86 8.07
CA TRP F 31 39.22 -2.58 6.69
C TRP F 31 37.84 -3.15 6.35
N GLU F 32 37.05 -3.41 7.37
CA GLU F 32 35.70 -3.94 7.16
C GLU F 32 34.83 -2.78 6.67
N PHE F 33 34.00 -3.05 5.67
CA PHE F 33 33.12 -2.00 5.14
C PHE F 33 31.73 -2.57 4.89
N LYS F 34 30.81 -1.72 4.44
CA LYS F 34 29.45 -2.16 4.21
C LYS F 34 28.72 -1.43 3.09
N LEU F 35 28.07 -2.19 2.22
CA LEU F 35 27.31 -1.55 1.17
C LEU F 35 25.95 -1.27 1.83
N SER F 36 25.83 -0.10 2.46
CA SER F 36 24.59 0.28 3.13
C SER F 36 23.45 0.16 2.14
N ASP F 37 23.68 0.65 0.94
CA ASP F 37 22.70 0.57 -0.13
C ASP F 37 23.38 -0.15 -1.30
N PRO F 38 23.42 -1.49 -1.24
CA PRO F 38 24.05 -2.26 -2.32
C PRO F 38 23.44 -1.94 -3.67
N ASP F 39 22.21 -1.45 -3.66
CA ASP F 39 21.55 -1.12 -4.91
C ASP F 39 22.24 0.09 -5.52
N GLU F 40 22.63 1.03 -4.67
CA GLU F 40 23.29 2.22 -5.16
C GLU F 40 24.73 1.89 -5.59
N VAL F 41 25.42 1.05 -4.81
CA VAL F 41 26.78 0.69 -5.16
C VAL F 41 26.76 -0.05 -6.49
N ALA F 42 25.87 -1.01 -6.61
CA ALA F 42 25.75 -1.78 -7.83
C ALA F 42 25.49 -0.85 -9.01
N ARG F 43 24.54 0.06 -8.85
CA ARG F 43 24.19 0.99 -9.91
C ARG F 43 25.37 1.83 -10.41
N ARG F 44 26.15 2.38 -9.49
CA ARG F 44 27.30 3.20 -9.87
C ARG F 44 28.35 2.36 -10.55
N TRP F 45 28.50 1.12 -10.06
CA TRP F 45 29.45 0.18 -10.62
C TRP F 45 29.06 -0.08 -12.07
N GLY F 46 27.78 -0.34 -12.29
CA GLY F 46 27.29 -0.62 -13.64
C GLY F 46 27.43 0.60 -14.51
N LYS F 47 27.37 1.77 -13.89
CA LYS F 47 27.53 3.01 -14.62
C LYS F 47 28.95 3.07 -15.15
N ARG F 48 29.92 2.82 -14.26
CA ARG F 48 31.33 2.83 -14.63
C ARG F 48 31.66 1.80 -15.68
N LYS F 49 31.30 0.54 -15.45
CA LYS F 49 31.60 -0.49 -16.41
C LYS F 49 30.64 -0.50 -17.58
N ASN F 50 29.80 0.52 -17.65
CA ASN F 50 28.84 0.62 -18.75
C ASN F 50 28.00 -0.65 -18.86
N LYS F 51 27.49 -1.12 -17.73
CA LYS F 51 26.66 -2.33 -17.67
C LYS F 51 25.38 -1.95 -16.94
N PRO F 52 24.40 -1.40 -17.69
CA PRO F 52 23.09 -0.96 -17.21
C PRO F 52 22.30 -1.98 -16.39
N LYS F 53 22.43 -3.25 -16.73
CA LYS F 53 21.70 -4.30 -16.04
C LYS F 53 22.39 -4.79 -14.76
N MET F 54 23.49 -4.16 -14.38
CA MET F 54 24.23 -4.54 -13.18
C MET F 54 23.40 -4.41 -11.89
N ASN F 55 23.64 -5.31 -10.94
CA ASN F 55 22.95 -5.28 -9.65
C ASN F 55 23.79 -5.95 -8.57
N TYR F 56 23.31 -5.92 -7.33
CA TYR F 56 24.06 -6.50 -6.22
C TYR F 56 24.34 -8.00 -6.33
N GLU F 57 23.42 -8.76 -6.93
CA GLU F 57 23.64 -10.20 -7.07
C GLU F 57 24.87 -10.44 -7.94
N LYS F 58 24.89 -9.81 -9.11
CA LYS F 58 26.01 -9.94 -10.02
C LYS F 58 27.29 -9.38 -9.37
N LEU F 59 27.22 -8.15 -8.90
CA LEU F 59 28.37 -7.52 -8.25
C LEU F 59 28.96 -8.45 -7.20
N SER F 60 28.11 -8.95 -6.31
CA SER F 60 28.57 -9.80 -5.22
C SER F 60 29.31 -11.04 -5.69
N ARG F 61 28.94 -11.57 -6.85
CA ARG F 61 29.62 -12.75 -7.35
C ARG F 61 31.04 -12.31 -7.67
N GLY F 62 31.16 -11.07 -8.13
CA GLY F 62 32.46 -10.52 -8.46
C GLY F 62 33.29 -10.45 -7.19
N LEU F 63 32.66 -10.06 -6.09
CA LEU F 63 33.34 -9.97 -4.80
C LEU F 63 33.72 -11.36 -4.29
N ARG F 64 32.91 -12.36 -4.63
CA ARG F 64 33.21 -13.71 -4.16
C ARG F 64 34.46 -14.30 -4.80
N TYR F 65 34.82 -13.81 -5.98
CA TYR F 65 36.03 -14.30 -6.66
C TYR F 65 37.25 -13.73 -5.96
N TYR F 66 37.04 -12.71 -5.13
CA TYR F 66 38.17 -12.11 -4.41
C TYR F 66 38.54 -12.94 -3.19
N TYR F 67 37.65 -13.82 -2.76
CA TYR F 67 37.93 -14.62 -1.57
C TYR F 67 39.26 -15.39 -1.67
N ASP F 68 39.41 -16.18 -2.73
CA ASP F 68 40.64 -16.94 -2.89
C ASP F 68 41.81 -16.04 -3.27
N LYS F 69 41.54 -14.99 -4.04
CA LYS F 69 42.59 -14.07 -4.44
C LYS F 69 42.93 -13.16 -3.24
N ASN F 70 42.29 -13.43 -2.12
CA ASN F 70 42.51 -12.67 -0.89
C ASN F 70 42.54 -11.16 -0.97
N ILE F 71 41.63 -10.57 -1.75
CA ILE F 71 41.55 -9.13 -1.84
C ILE F 71 40.51 -8.72 -0.79
N ILE F 72 39.32 -9.29 -0.93
CA ILE F 72 38.22 -9.00 -0.02
C ILE F 72 37.58 -10.27 0.48
N HIS F 73 37.39 -10.37 1.79
CA HIS F 73 36.69 -11.51 2.39
C HIS F 73 35.30 -11.04 2.80
N LYS F 74 34.51 -11.98 3.31
CA LYS F 74 33.14 -11.71 3.72
C LYS F 74 33.05 -11.75 5.23
N THR F 75 32.35 -10.80 5.83
CA THR F 75 32.18 -10.89 7.27
C THR F 75 30.92 -11.77 7.40
N ALA F 76 31.12 -12.98 7.90
CA ALA F 76 30.06 -13.96 8.07
C ALA F 76 28.95 -13.48 8.99
N GLY F 77 27.71 -13.70 8.57
CA GLY F 77 26.56 -13.32 9.37
C GLY F 77 26.14 -11.86 9.36
N LYS F 78 26.99 -10.98 8.83
CA LYS F 78 26.68 -9.57 8.77
C LYS F 78 26.34 -9.23 7.33
N ARG F 79 25.09 -8.84 7.13
CA ARG F 79 24.54 -8.54 5.84
C ARG F 79 25.24 -7.41 5.08
N TYR F 80 25.66 -7.70 3.85
CA TYR F 80 26.33 -6.72 2.99
C TYR F 80 27.69 -6.29 3.55
N VAL F 81 28.18 -6.97 4.58
CA VAL F 81 29.45 -6.57 5.16
C VAL F 81 30.66 -7.37 4.67
N TYR F 82 31.63 -6.67 4.10
CA TYR F 82 32.85 -7.32 3.61
C TYR F 82 34.09 -6.76 4.31
N ARG F 83 35.27 -7.22 3.92
CA ARG F 83 36.48 -6.75 4.56
C ARG F 83 37.74 -6.93 3.71
N PHE F 84 38.45 -5.84 3.48
CA PHE F 84 39.70 -5.90 2.72
C PHE F 84 40.71 -6.69 3.54
N VAL F 85 41.38 -7.66 2.93
CA VAL F 85 42.37 -8.44 3.66
C VAL F 85 43.77 -8.34 3.04
N CYS F 86 43.93 -7.43 2.08
CA CYS F 86 45.23 -7.19 1.46
C CYS F 86 45.94 -6.12 2.29
N ASP F 87 47.16 -5.74 1.91
CA ASP F 87 47.90 -4.74 2.69
C ASP F 87 47.58 -3.32 2.26
N LEU F 88 46.38 -2.89 2.64
CA LEU F 88 45.88 -1.56 2.31
C LEU F 88 46.75 -0.46 2.93
N GLN F 89 47.30 -0.71 4.13
CA GLN F 89 48.14 0.31 4.76
C GLN F 89 49.36 0.63 3.90
N SER F 90 49.90 -0.39 3.24
CA SER F 90 51.07 -0.19 2.37
C SER F 90 50.65 0.35 1.01
N LEU F 91 49.47 -0.06 0.52
CA LEU F 91 48.99 0.40 -0.77
C LEU F 91 48.41 1.82 -0.73
N LEU F 92 47.90 2.21 0.44
CA LEU F 92 47.29 3.52 0.58
C LEU F 92 48.15 4.49 1.39
N GLY F 93 48.90 3.95 2.35
CA GLY F 93 49.74 4.81 3.16
C GLY F 93 49.02 5.31 4.40
N TYR F 94 48.02 4.56 4.85
CA TYR F 94 47.24 4.93 6.03
C TYR F 94 46.88 3.70 6.85
N THR F 95 46.89 3.87 8.15
CA THR F 95 46.33 2.81 8.97
C THR F 95 44.81 2.88 8.98
N PRO F 96 44.07 1.94 9.44
CA PRO F 96 42.63 2.12 9.37
C PRO F 96 42.21 3.37 10.17
N GLU F 97 42.78 3.50 11.36
CA GLU F 97 42.51 4.64 12.23
C GLU F 97 42.70 5.95 11.46
N GLU F 98 43.87 6.10 10.87
CA GLU F 98 44.17 7.30 10.11
C GLU F 98 43.18 7.57 8.99
N LEU F 99 42.78 6.54 8.27
CA LEU F 99 41.82 6.75 7.19
C LEU F 99 40.45 7.07 7.79
N HIS F 100 40.07 6.35 8.84
CA HIS F 100 38.76 6.63 9.46
C HIS F 100 38.70 8.09 9.91
N ALA F 101 39.75 8.52 10.61
CA ALA F 101 39.82 9.88 11.10
C ALA F 101 39.62 10.89 9.97
N MET F 102 40.39 10.75 8.90
CA MET F 102 40.27 11.68 7.79
C MET F 102 38.88 11.66 7.16
N LEU F 103 38.28 10.48 7.08
CA LEU F 103 36.95 10.34 6.48
C LEU F 103 35.88 10.57 7.52
N ASP F 104 36.32 10.79 8.76
CA ASP F 104 35.41 11.01 9.88
C ASP F 104 34.50 9.81 10.02
N VAL F 105 34.99 8.76 10.67
CA VAL F 105 34.21 7.55 10.85
C VAL F 105 34.22 7.04 12.28
N LYS F 106 33.04 7.05 12.90
CA LYS F 106 32.87 6.59 14.28
C LYS F 106 33.21 5.10 14.41
#